data_6W6N
#
_entry.id   6W6N
#
_cell.length_a   47.373
_cell.length_b   80.172
_cell.length_c   110.767
_cell.angle_alpha   90.000
_cell.angle_beta   90.000
_cell.angle_gamma   90.000
#
_symmetry.space_group_name_H-M   'P 21 21 21'
#
loop_
_entity.id
_entity.type
_entity.pdbx_description
1 polymer 'Cytochrome P460'
2 non-polymer 'HEME C'
3 water water
#
_entity_poly.entity_id   1
_entity_poly.type   'polypeptide(L)'
_entity_poly.pdbx_seq_one_letter_code
;KGLNYGSFTKEHVLLTPKGYREWVFIGASVTPNELNDDKAAFPEFHNVYIDPTSWGHWKKTGEFRDGTVIVLELAGVGSK
ASPSGNGYFPGEFNGIEAMVKDSKRYPERPGNWAFFGFESYEAKQGIIQTDETCAACHKEHAAHDMVFTQFYPVLRAGKP
;
_entity_poly.pdbx_strand_id   A,B
#
loop_
_chem_comp.id
_chem_comp.type
_chem_comp.name
_chem_comp.formula
HEC non-polymer 'HEME C' 'C34 H34 Fe N4 O4'
#
# COMPACT_ATOMS: atom_id res chain seq x y z
N LEU A 3 -19.13 -12.21 -4.22
CA LEU A 3 -18.64 -13.09 -3.16
C LEU A 3 -17.92 -12.38 -2.01
N ASN A 4 -18.37 -12.70 -0.79
CA ASN A 4 -17.83 -12.09 0.42
C ASN A 4 -16.57 -12.80 0.91
N TYR A 5 -15.62 -11.98 1.37
CA TYR A 5 -14.27 -12.43 1.71
C TYR A 5 -14.00 -12.71 3.17
N GLY A 6 -14.86 -12.30 4.09
CA GLY A 6 -14.70 -12.72 5.46
C GLY A 6 -15.12 -14.18 5.65
N SER A 7 -14.48 -14.80 6.63
CA SER A 7 -14.93 -16.08 7.16
C SER A 7 -15.27 -15.81 8.61
N PHE A 8 -16.46 -16.23 9.01
CA PHE A 8 -17.02 -15.80 10.28
C PHE A 8 -17.51 -17.00 11.08
N THR A 9 -17.53 -16.85 12.40
CA THR A 9 -18.18 -17.92 13.13
C THR A 9 -19.67 -17.62 13.11
N LYS A 10 -20.47 -18.59 13.54
CA LYS A 10 -21.90 -18.33 13.67
C LYS A 10 -22.14 -17.14 14.59
N GLU A 11 -21.25 -16.91 15.55
CA GLU A 11 -21.44 -15.78 16.44
C GLU A 11 -20.93 -14.50 15.83
N HIS A 12 -20.73 -14.49 14.50
CA HIS A 12 -20.44 -13.30 13.71
C HIS A 12 -19.08 -12.70 14.02
N VAL A 13 -18.14 -13.53 14.45
CA VAL A 13 -16.79 -13.05 14.75
C VAL A 13 -15.90 -13.33 13.55
N LEU A 14 -15.05 -12.38 13.22
CA LEU A 14 -14.18 -12.49 12.05
C LEU A 14 -13.01 -13.42 12.38
N LEU A 15 -12.92 -14.57 11.70
CA LEU A 15 -11.69 -15.35 11.76
C LEU A 15 -10.54 -14.55 11.16
N THR A 16 -9.35 -14.79 11.68
CA THR A 16 -8.21 -13.97 11.31
C THR A 16 -7.94 -14.02 9.81
N PRO A 17 -8.02 -12.90 9.11
CA PRO A 17 -7.89 -12.94 7.64
C PRO A 17 -6.54 -13.39 7.11
N LYS A 18 -6.57 -14.16 6.04
CA LYS A 18 -5.41 -14.62 5.28
C LYS A 18 -5.48 -14.15 3.84
N GLY A 19 -4.33 -13.74 3.31
CA GLY A 19 -4.25 -13.28 1.94
C GLY A 19 -4.73 -11.86 1.76
N TYR A 20 -4.91 -11.12 2.86
CA TYR A 20 -5.39 -9.75 2.78
C TYR A 20 -4.37 -8.85 2.09
N ARG A 21 -3.10 -9.26 2.06
CA ARG A 21 -2.08 -8.51 1.35
C ARG A 21 -2.26 -8.57 -0.16
N GLU A 22 -3.10 -9.49 -0.65
CA GLU A 22 -3.49 -9.57 -2.05
C GLU A 22 -4.85 -8.94 -2.31
N TRP A 23 -5.40 -8.22 -1.33
CA TRP A 23 -6.60 -7.42 -1.54
C TRP A 23 -6.16 -6.11 -2.19
N VAL A 24 -7.08 -5.15 -2.34
CA VAL A 24 -6.76 -3.91 -3.01
C VAL A 24 -6.32 -2.90 -1.96
N PHE A 25 -5.06 -2.50 -2.05
CA PHE A 25 -4.52 -1.47 -1.16
C PHE A 25 -5.18 -0.13 -1.48
N ILE A 26 -5.55 0.62 -0.44
CA ILE A 26 -6.25 1.88 -0.61
C ILE A 26 -5.50 3.08 -0.02
N GLY A 27 -4.44 2.88 0.76
CA GLY A 27 -3.68 3.98 1.30
C GLY A 27 -2.83 3.55 2.46
N ALA A 28 -1.77 4.33 2.71
CA ALA A 28 -0.90 4.14 3.88
C ALA A 28 -0.64 5.46 4.61
N SER A 29 -0.58 5.37 5.93
CA SER A 29 -0.23 6.47 6.82
C SER A 29 0.84 5.98 7.78
N VAL A 30 1.42 6.91 8.54
CA VAL A 30 2.40 6.56 9.57
C VAL A 30 2.22 7.44 10.79
N THR A 31 2.12 6.81 11.96
CA THR A 31 2.12 7.49 13.25
C THR A 31 3.32 6.99 14.04
N PRO A 32 4.48 7.63 13.89
CA PRO A 32 5.67 7.13 14.57
C PRO A 32 5.58 7.30 16.08
N ASN A 33 6.18 6.34 16.79
CA ASN A 33 6.28 6.47 18.24
C ASN A 33 6.92 7.79 18.65
N GLU A 34 7.98 8.20 17.95
CA GLU A 34 8.76 9.36 18.43
C GLU A 34 7.96 10.64 18.38
N LEU A 35 6.88 10.68 17.61
CA LEU A 35 6.03 11.85 17.53
C LEU A 35 4.79 11.75 18.43
N ASN A 36 4.69 10.69 19.22
CA ASN A 36 3.52 10.42 20.07
C ASN A 36 3.99 9.97 21.44
N ASP A 37 4.84 10.77 22.08
CA ASP A 37 5.29 10.46 23.44
C ASP A 37 5.91 9.08 23.43
N ASP A 38 6.53 8.81 22.29
CA ASP A 38 7.21 7.56 21.96
C ASP A 38 6.22 6.40 21.86
N LYS A 39 4.93 6.57 21.76
CA LYS A 39 4.09 5.36 21.70
C LYS A 39 2.80 5.73 20.97
N ALA A 40 2.79 5.66 19.63
CA ALA A 40 1.51 5.93 18.97
C ALA A 40 0.48 4.90 19.39
N ALA A 41 -0.78 5.33 19.37
CA ALA A 41 -1.86 4.41 19.74
C ALA A 41 -1.85 3.21 18.83
N PHE A 42 -1.67 3.43 17.53
CA PHE A 42 -1.63 2.33 16.57
C PHE A 42 -0.23 2.33 15.94
N PRO A 43 0.73 1.64 16.55
CA PRO A 43 2.14 1.57 16.06
C PRO A 43 2.49 0.64 14.89
N GLU A 44 3.18 1.12 13.83
CA GLU A 44 3.67 2.45 13.34
C GLU A 44 3.73 2.46 11.78
N PHE A 45 2.69 2.20 11.01
CA PHE A 45 2.47 2.43 9.57
C PHE A 45 1.24 1.65 9.22
N HIS A 46 0.11 2.33 9.17
CA HIS A 46 -1.11 1.70 8.73
C HIS A 46 -1.11 1.49 7.22
N ASN A 47 -1.13 0.22 6.80
CA ASN A 47 -1.30 -0.15 5.41
C ASN A 47 -2.69 -0.75 5.33
N VAL A 48 -3.54 -0.19 4.47
CA VAL A 48 -4.95 -0.50 4.50
C VAL A 48 -5.37 -1.18 3.21
N TYR A 49 -6.22 -2.20 3.33
CA TYR A 49 -6.68 -3.00 2.21
C TYR A 49 -8.19 -3.09 2.27
N ILE A 50 -8.83 -3.15 1.11
CA ILE A 50 -10.24 -3.47 1.01
C ILE A 50 -10.37 -4.74 0.18
N ASP A 51 -11.35 -5.58 0.52
CA ASP A 51 -11.47 -6.85 -0.18
C ASP A 51 -11.85 -6.60 -1.64
N PRO A 52 -11.45 -7.50 -2.53
CA PRO A 52 -11.64 -7.24 -3.97
C PRO A 52 -13.09 -7.06 -4.40
N THR A 53 -14.03 -7.84 -3.84
CA THR A 53 -15.43 -7.69 -4.25
C THR A 53 -15.98 -6.30 -3.91
N SER A 54 -15.71 -5.79 -2.72
CA SER A 54 -16.21 -4.47 -2.32
C SER A 54 -15.51 -3.36 -3.06
N TRP A 55 -14.24 -3.56 -3.44
CA TRP A 55 -13.56 -2.60 -4.30
C TRP A 55 -14.29 -2.46 -5.62
N GLY A 56 -14.71 -3.59 -6.21
CA GLY A 56 -15.48 -3.51 -7.45
C GLY A 56 -16.75 -2.71 -7.26
N HIS A 57 -17.44 -2.93 -6.13
CA HIS A 57 -18.66 -2.17 -5.85
C HIS A 57 -18.35 -0.71 -5.58
N TRP A 58 -17.24 -0.44 -4.91
CA TRP A 58 -16.82 0.94 -4.67
C TRP A 58 -16.58 1.71 -5.96
N LYS A 59 -15.85 1.11 -6.91
CA LYS A 59 -15.60 1.79 -8.17
C LYS A 59 -16.89 2.13 -8.90
N LYS A 60 -17.91 1.30 -8.72
CA LYS A 60 -19.19 1.49 -9.40
C LYS A 60 -20.09 2.51 -8.69
N THR A 61 -20.02 2.58 -7.36
CA THR A 61 -21.05 3.29 -6.58
C THR A 61 -20.51 4.32 -5.60
N GLY A 62 -19.24 4.27 -5.22
CA GLY A 62 -18.79 5.16 -4.15
C GLY A 62 -19.36 4.84 -2.79
N GLU A 63 -19.82 3.61 -2.59
CA GLU A 63 -20.35 3.18 -1.30
C GLU A 63 -19.74 1.83 -0.92
N PHE A 64 -19.73 1.57 0.39
CA PHE A 64 -19.28 0.31 0.95
C PHE A 64 -20.42 -0.70 0.94
N ARG A 65 -20.20 -1.82 0.28
CA ARG A 65 -21.19 -2.86 0.17
C ARG A 65 -21.39 -3.57 1.51
N ASP A 66 -22.56 -4.18 1.71
CA ASP A 66 -22.71 -5.21 2.73
C ASP A 66 -21.71 -6.33 2.51
N GLY A 67 -20.96 -6.68 3.55
CA GLY A 67 -19.92 -7.67 3.38
C GLY A 67 -18.54 -7.07 3.21
N THR A 68 -18.44 -5.75 3.20
CA THR A 68 -17.14 -5.10 3.09
C THR A 68 -16.26 -5.51 4.25
N VAL A 69 -15.03 -5.90 3.93
CA VAL A 69 -13.98 -6.12 4.92
C VAL A 69 -12.82 -5.20 4.60
N ILE A 70 -12.35 -4.47 5.59
CA ILE A 70 -11.18 -3.61 5.48
C ILE A 70 -10.16 -4.08 6.52
N VAL A 71 -8.92 -4.27 6.08
CA VAL A 71 -7.84 -4.71 6.96
C VAL A 71 -6.78 -3.64 7.02
N LEU A 72 -6.43 -3.22 8.24
CA LEU A 72 -5.30 -2.33 8.48
C LEU A 72 -4.17 -3.15 9.09
N GLU A 73 -3.00 -3.12 8.46
CA GLU A 73 -1.84 -3.88 8.91
C GLU A 73 -0.81 -2.91 9.50
N LEU A 74 -0.35 -3.20 10.71
CA LEU A 74 0.64 -2.38 11.39
C LEU A 74 2.04 -2.89 11.09
N ALA A 75 2.97 -1.96 10.90
CA ALA A 75 4.39 -2.26 10.72
C ALA A 75 5.23 -1.23 11.44
N GLY A 76 6.42 -1.63 11.88
CA GLY A 76 7.32 -0.71 12.55
C GLY A 76 7.99 0.28 11.60
N VAL A 77 8.53 1.35 12.18
CA VAL A 77 9.50 2.19 11.48
C VAL A 77 10.83 1.46 11.54
N GLY A 78 11.37 1.13 10.38
CA GLY A 78 12.65 0.46 10.37
C GLY A 78 13.79 1.46 10.33
N SER A 79 13.54 2.64 9.78
CA SER A 79 14.57 3.67 9.73
C SER A 79 13.94 5.02 9.36
N LYS A 80 14.73 6.10 9.51
CA LYS A 80 14.23 7.46 9.28
C LYS A 80 15.03 8.27 8.24
N ALA A 81 16.03 7.67 7.60
CA ALA A 81 16.85 8.29 6.55
C ALA A 81 17.29 7.16 5.63
N SER A 82 17.24 7.40 4.33
CA SER A 82 17.62 6.40 3.33
C SER A 82 18.31 7.11 2.17
N PRO A 83 18.80 6.40 1.15
CA PRO A 83 19.43 7.11 0.01
C PRO A 83 18.50 8.08 -0.70
N SER A 84 17.18 7.92 -0.54
CA SER A 84 16.20 8.80 -1.17
C SER A 84 15.86 10.03 -0.33
N GLY A 85 16.38 10.12 0.89
CA GLY A 85 16.14 11.27 1.72
C GLY A 85 15.72 10.89 3.12
N ASN A 86 15.29 11.89 3.88
CA ASN A 86 14.84 11.72 5.25
C ASN A 86 13.34 11.48 5.29
N GLY A 87 12.90 10.74 6.31
CA GLY A 87 11.49 10.45 6.48
C GLY A 87 11.21 9.25 7.36
N TYR A 88 10.29 8.38 6.94
CA TYR A 88 9.98 7.16 7.68
C TYR A 88 9.93 6.01 6.69
N PHE A 89 10.58 4.90 7.05
CA PHE A 89 10.60 3.74 6.17
C PHE A 89 10.23 2.51 6.97
N PRO A 90 9.44 1.58 6.39
CA PRO A 90 8.90 0.49 7.19
C PRO A 90 9.94 -0.56 7.54
N GLY A 91 9.65 -1.27 8.63
CA GLY A 91 10.44 -2.38 9.14
C GLY A 91 9.65 -3.67 9.07
N GLU A 92 9.32 -4.21 10.24
CA GLU A 92 8.66 -5.50 10.39
C GLU A 92 7.19 -5.30 10.70
N PHE A 93 6.39 -6.31 10.37
CA PHE A 93 4.96 -6.27 10.66
C PHE A 93 4.71 -6.38 12.16
N ASN A 94 3.67 -5.65 12.62
CA ASN A 94 3.33 -5.59 14.03
C ASN A 94 1.99 -6.24 14.35
N GLY A 95 1.09 -6.36 13.39
CA GLY A 95 -0.23 -6.89 13.64
C GLY A 95 -1.25 -6.25 12.72
N ILE A 96 -2.51 -6.63 12.94
CA ILE A 96 -3.61 -6.17 12.11
C ILE A 96 -4.81 -5.76 12.95
N GLU A 97 -5.62 -4.87 12.38
CA GLU A 97 -6.97 -4.60 12.86
CA GLU A 97 -6.96 -4.58 12.86
C GLU A 97 -7.91 -4.69 11.67
N ALA A 98 -9.20 -4.83 11.95
CA ALA A 98 -10.14 -4.97 10.85
C ALA A 98 -11.50 -4.42 11.23
N MET A 99 -12.31 -4.15 10.22
CA MET A 99 -13.68 -3.74 10.38
C MET A 99 -14.51 -4.39 9.29
N VAL A 100 -15.75 -4.75 9.62
CA VAL A 100 -16.64 -5.47 8.71
C VAL A 100 -17.99 -4.77 8.68
N LYS A 101 -18.49 -4.53 7.47
CA LYS A 101 -19.81 -3.92 7.31
C LYS A 101 -20.78 -5.05 6.94
N ASP A 102 -21.84 -5.20 7.74
CA ASP A 102 -22.82 -6.24 7.44
C ASP A 102 -24.08 -5.87 8.23
N SER A 103 -25.10 -5.38 7.54
CA SER A 103 -26.34 -4.99 8.22
C SER A 103 -27.09 -6.18 8.78
N LYS A 104 -26.80 -7.38 8.27
CA LYS A 104 -27.44 -8.61 8.73
C LYS A 104 -26.74 -9.19 9.95
N ARG A 105 -25.40 -9.18 9.99
CA ARG A 105 -24.72 -9.76 11.15
C ARG A 105 -24.71 -8.77 12.30
N TYR A 106 -24.69 -7.48 11.99
CA TYR A 106 -24.46 -6.42 12.98
C TYR A 106 -25.56 -5.35 12.90
N PRO A 107 -26.84 -5.74 13.04
CA PRO A 107 -27.92 -4.74 12.85
C PRO A 107 -27.97 -3.61 13.88
N GLU A 108 -27.41 -3.81 15.08
CA GLU A 108 -27.47 -2.83 16.17
C GLU A 108 -26.19 -2.02 16.30
N ARG A 109 -25.25 -2.23 15.46
CA ARG A 109 -24.01 -1.51 15.58
C ARG A 109 -24.02 -0.29 14.69
N PRO A 110 -23.32 0.79 15.08
CA PRO A 110 -23.31 2.00 14.24
C PRO A 110 -22.78 1.73 12.85
N GLY A 111 -23.55 2.15 11.85
CA GLY A 111 -23.17 1.92 10.46
C GLY A 111 -23.17 0.47 10.04
N ASN A 112 -23.62 -0.43 10.92
CA ASN A 112 -23.53 -1.87 10.72
C ASN A 112 -22.09 -2.34 10.59
N TRP A 113 -21.17 -1.60 11.20
CA TRP A 113 -19.76 -1.96 11.25
C TRP A 113 -19.43 -2.66 12.56
N ALA A 114 -18.68 -3.76 12.47
CA ALA A 114 -18.05 -4.37 13.61
C ALA A 114 -16.54 -4.11 13.53
N PHE A 115 -15.94 -3.74 14.65
CA PHE A 115 -14.51 -3.47 14.70
C PHE A 115 -13.82 -4.63 15.40
N PHE A 116 -12.73 -5.12 14.81
CA PHE A 116 -12.05 -6.29 15.34
C PHE A 116 -10.59 -5.97 15.66
N GLY A 117 -10.21 -6.25 16.89
CA GLY A 117 -8.82 -6.28 17.30
C GLY A 117 -8.32 -7.71 17.24
N PHE A 118 -7.02 -7.87 17.07
CA PHE A 118 -6.43 -9.20 16.98
C PHE A 118 -5.30 -9.28 17.99
N GLU A 119 -5.39 -10.28 18.88
CA GLU A 119 -4.39 -10.49 19.91
C GLU A 119 -3.05 -10.87 19.30
N SER A 120 -3.06 -11.57 18.17
CA SER A 120 -1.80 -11.94 17.54
C SER A 120 -2.06 -12.50 16.14
N TYR A 121 -0.95 -12.67 15.39
CA TYR A 121 -1.10 -13.19 14.04
C TYR A 121 -1.46 -14.65 14.06
N GLU A 122 -1.22 -15.32 15.18
CA GLU A 122 -1.55 -16.72 15.34
C GLU A 122 -2.94 -16.93 15.92
N ALA A 123 -3.59 -15.86 16.38
CA ALA A 123 -4.94 -16.00 16.92
C ALA A 123 -5.85 -16.57 15.84
N LYS A 124 -6.80 -17.42 16.22
CA LYS A 124 -7.72 -17.95 15.22
C LYS A 124 -8.78 -16.93 14.83
N GLN A 125 -9.07 -15.95 15.70
CA GLN A 125 -10.13 -15.00 15.40
C GLN A 125 -9.84 -13.66 16.07
N GLY A 126 -10.52 -12.65 15.54
CA GLY A 126 -10.56 -11.32 16.11
C GLY A 126 -11.39 -11.22 17.37
N ILE A 127 -11.31 -10.04 17.99
CA ILE A 127 -12.04 -9.72 19.20
C ILE A 127 -12.96 -8.55 18.84
N ILE A 128 -14.27 -8.78 18.87
CA ILE A 128 -15.22 -7.71 18.57
C ILE A 128 -15.16 -6.64 19.65
N GLN A 129 -15.23 -5.39 19.24
CA GLN A 129 -15.05 -4.28 20.17
C GLN A 129 -16.37 -3.62 20.49
N THR A 130 -16.46 -3.12 21.73
CA THR A 130 -17.57 -2.26 22.10
C THR A 130 -17.40 -0.87 21.50
N ASP A 131 -18.51 -0.13 21.43
CA ASP A 131 -18.55 1.06 20.59
C ASP A 131 -17.58 2.12 21.09
N GLU A 132 -17.37 2.21 22.41
CA GLU A 132 -16.50 3.26 22.92
C GLU A 132 -15.05 3.09 22.48
N THR A 133 -14.62 1.87 22.11
CA THR A 133 -13.21 1.61 21.86
C THR A 133 -12.77 1.99 20.44
N CYS A 134 -13.69 1.99 19.47
CA CYS A 134 -13.32 2.18 18.08
C CYS A 134 -14.35 2.99 17.31
N ALA A 135 -15.61 2.54 17.35
CA ALA A 135 -16.65 3.14 16.53
C ALA A 135 -16.86 4.63 16.87
N ALA A 136 -16.72 4.98 18.15
CA ALA A 136 -16.99 6.37 18.54
C ALA A 136 -16.05 7.33 17.82
N CYS A 137 -14.76 7.01 17.77
CA CYS A 137 -13.81 7.89 17.08
C CYS A 137 -14.05 7.90 15.58
N HIS A 138 -14.26 6.71 14.99
CA HIS A 138 -14.51 6.61 13.55
C HIS A 138 -15.79 7.35 13.17
N LYS A 139 -16.84 7.20 13.97
CA LYS A 139 -18.10 7.88 13.66
C LYS A 139 -17.91 9.39 13.72
N GLU A 140 -17.16 9.86 14.70
CA GLU A 140 -16.96 11.29 14.91
C GLU A 140 -16.10 11.94 13.83
N HIS A 141 -15.14 11.21 13.25
CA HIS A 141 -14.08 11.86 12.47
C HIS A 141 -13.89 11.34 11.06
N ALA A 142 -14.39 10.15 10.71
CA ALA A 142 -14.16 9.63 9.37
C ALA A 142 -14.99 10.41 8.36
N ALA A 143 -14.43 10.61 7.16
CA ALA A 143 -15.10 11.43 6.17
C ALA A 143 -16.30 10.75 5.52
N HIS A 144 -16.32 9.42 5.41
CA HIS A 144 -17.43 8.77 4.72
C HIS A 144 -17.74 7.44 5.36
N ASP A 145 -18.93 7.33 5.94
CA ASP A 145 -19.51 6.08 6.43
C ASP A 145 -18.52 5.34 7.33
N MET A 146 -17.92 6.10 8.25
CA MET A 146 -17.03 5.62 9.30
C MET A 146 -15.68 5.12 8.81
N VAL A 147 -15.35 5.32 7.54
CA VAL A 147 -14.03 4.97 7.00
C VAL A 147 -13.33 6.28 6.69
N PHE A 148 -12.06 6.39 7.09
CA PHE A 148 -11.30 7.63 6.95
C PHE A 148 -10.83 7.84 5.50
N THR A 149 -11.82 8.01 4.61
CA THR A 149 -11.54 8.15 3.18
C THR A 149 -10.75 9.42 2.84
N GLN A 150 -10.65 10.38 3.77
CA GLN A 150 -9.75 11.51 3.55
C GLN A 150 -8.28 11.10 3.47
N PHE A 151 -7.94 9.89 3.87
CA PHE A 151 -6.58 9.38 3.80
C PHE A 151 -6.40 8.23 2.81
N TYR A 152 -7.40 7.97 1.97
CA TYR A 152 -7.36 6.87 1.00
C TYR A 152 -7.52 7.43 -0.41
N PRO A 153 -6.45 7.98 -1.00
CA PRO A 153 -6.57 8.58 -2.34
C PRO A 153 -6.96 7.58 -3.41
N VAL A 154 -6.64 6.30 -3.21
CA VAL A 154 -7.08 5.25 -4.14
C VAL A 154 -8.60 5.19 -4.18
N LEU A 155 -9.23 5.20 -3.00
CA LEU A 155 -10.69 5.19 -2.95
C LEU A 155 -11.28 6.44 -3.60
N ARG A 156 -10.72 7.60 -3.29
CA ARG A 156 -11.28 8.85 -3.79
C ARG A 156 -11.14 8.91 -5.31
N ALA A 157 -10.03 8.42 -5.85
CA ALA A 157 -9.80 8.42 -7.28
C ALA A 157 -10.61 7.35 -8.00
N GLY A 158 -11.06 6.31 -7.28
CA GLY A 158 -11.73 5.19 -7.90
C GLY A 158 -13.23 5.28 -7.94
N LYS A 159 -13.81 6.20 -7.18
CA LYS A 159 -15.26 6.35 -7.16
C LYS A 159 -15.74 7.03 -8.44
N PRO A 160 -17.03 6.84 -8.81
CA PRO A 160 -17.51 7.42 -10.08
C PRO A 160 -17.75 8.92 -10.03
N LYS B 1 2.44 -20.32 -17.18
CA LYS B 1 2.57 -19.04 -17.87
C LYS B 1 1.50 -18.05 -17.39
N GLY B 2 1.95 -16.85 -17.01
CA GLY B 2 1.09 -15.79 -16.57
C GLY B 2 1.01 -14.66 -17.58
N LEU B 3 0.22 -13.66 -17.24
CA LEU B 3 0.04 -12.56 -18.18
C LEU B 3 1.22 -11.61 -18.11
N ASN B 4 1.44 -10.87 -19.18
CA ASN B 4 2.33 -9.72 -19.17
C ASN B 4 1.53 -8.48 -18.77
N TYR B 5 2.05 -7.69 -17.83
CA TYR B 5 1.32 -6.49 -17.45
C TYR B 5 1.86 -5.22 -18.07
N GLY B 6 2.97 -5.26 -18.78
CA GLY B 6 3.61 -4.06 -19.28
C GLY B 6 3.30 -4.04 -20.76
N SER B 7 3.25 -2.84 -21.33
CA SER B 7 3.11 -2.73 -22.77
C SER B 7 4.22 -1.84 -23.28
N PHE B 8 4.67 -2.11 -24.50
CA PHE B 8 5.88 -1.45 -24.96
C PHE B 8 5.77 -0.95 -26.39
N THR B 9 6.38 0.20 -26.64
CA THR B 9 6.53 0.81 -27.94
C THR B 9 7.62 0.07 -28.69
N LYS B 10 7.82 0.48 -29.93
CA LYS B 10 8.82 -0.15 -30.78
C LYS B 10 10.22 0.03 -30.33
N GLU B 11 10.43 1.05 -29.57
CA GLU B 11 11.70 1.31 -28.98
C GLU B 11 11.83 0.67 -27.63
N HIS B 12 10.90 -0.22 -27.25
CA HIS B 12 10.92 -0.97 -26.01
C HIS B 12 10.69 -0.06 -24.81
N VAL B 13 10.03 1.08 -25.03
CA VAL B 13 9.68 1.99 -23.95
C VAL B 13 8.31 1.61 -23.39
N LEU B 14 8.22 1.60 -22.06
CA LEU B 14 6.99 1.28 -21.36
C LEU B 14 5.93 2.37 -21.52
N LEU B 15 4.76 2.00 -22.06
CA LEU B 15 3.61 2.89 -22.08
C LEU B 15 3.04 3.09 -20.68
N THR B 16 2.46 4.27 -20.45
CA THR B 16 2.01 4.66 -19.12
C THR B 16 1.06 3.61 -18.52
N PRO B 17 1.43 2.95 -17.43
CA PRO B 17 0.63 1.81 -16.94
C PRO B 17 -0.71 2.22 -16.33
N LYS B 18 -1.71 1.39 -16.56
CA LYS B 18 -3.02 1.61 -15.98
C LYS B 18 -3.49 0.37 -15.23
N GLY B 19 -4.16 0.59 -14.11
CA GLY B 19 -4.67 -0.49 -13.32
C GLY B 19 -3.64 -1.00 -12.35
N TYR B 20 -2.51 -0.32 -12.26
CA TYR B 20 -1.42 -0.75 -11.40
C TYR B 20 -1.81 -0.64 -9.93
N ARG B 21 -2.82 0.17 -9.61
CA ARG B 21 -3.31 0.23 -8.24
C ARG B 21 -4.01 -1.05 -7.83
N GLU B 22 -4.34 -1.91 -8.78
CA GLU B 22 -4.87 -3.23 -8.52
C GLU B 22 -3.80 -4.31 -8.62
N TRP B 23 -2.54 -3.93 -8.72
CA TRP B 23 -1.46 -4.89 -8.60
C TRP B 23 -1.23 -5.15 -7.11
N VAL B 24 -0.19 -5.87 -6.76
CA VAL B 24 0.05 -6.24 -5.36
C VAL B 24 0.95 -5.21 -4.70
N PHE B 25 0.41 -4.52 -3.70
CA PHE B 25 1.18 -3.55 -2.92
C PHE B 25 2.24 -4.27 -2.11
N ILE B 26 3.45 -3.71 -2.09
CA ILE B 26 4.58 -4.32 -1.40
C ILE B 26 5.15 -3.45 -0.29
N GLY B 27 4.76 -2.20 -0.17
CA GLY B 27 5.23 -1.35 0.91
C GLY B 27 5.05 0.10 0.58
N ALA B 28 5.02 0.91 1.63
CA ALA B 28 4.96 2.36 1.49
C ALA B 28 5.97 3.05 2.40
N SER B 29 6.56 4.13 1.88
CA SER B 29 7.48 4.98 2.62
C SER B 29 7.04 6.42 2.44
N VAL B 30 7.66 7.32 3.20
CA VAL B 30 7.40 8.75 3.06
C VAL B 30 8.70 9.53 3.26
N THR B 31 9.02 10.40 2.29
CA THR B 31 10.10 11.37 2.40
C THR B 31 9.46 12.75 2.36
N PRO B 32 9.08 13.31 3.52
CA PRO B 32 8.41 14.62 3.50
C PRO B 32 9.32 15.75 3.07
N ASN B 33 8.73 16.70 2.34
CA ASN B 33 9.47 17.91 1.96
C ASN B 33 10.07 18.61 3.17
N GLU B 34 9.32 18.68 4.27
CA GLU B 34 9.76 19.45 5.43
C GLU B 34 10.98 18.82 6.11
N LEU B 35 11.25 17.54 5.89
CA LEU B 35 12.44 16.91 6.45
C LEU B 35 13.60 16.89 5.47
N ASN B 36 13.44 17.49 4.29
CA ASN B 36 14.47 17.54 3.26
C ASN B 36 14.58 18.96 2.68
N ASP B 37 14.69 19.97 3.55
CA ASP B 37 14.91 21.39 3.18
C ASP B 37 13.87 21.90 2.19
N ASP B 38 12.62 21.47 2.38
CA ASP B 38 11.48 21.92 1.58
C ASP B 38 11.46 21.37 0.16
N LYS B 39 12.34 20.41 -0.16
CA LYS B 39 12.45 19.86 -1.51
C LYS B 39 12.97 18.42 -1.41
N ALA B 40 12.03 17.49 -1.22
CA ALA B 40 12.35 16.08 -1.36
C ALA B 40 12.65 15.77 -2.82
N ALA B 41 13.55 14.82 -3.03
CA ALA B 41 13.84 14.41 -4.41
C ALA B 41 12.61 13.82 -5.07
N PHE B 42 11.92 12.95 -4.33
CA PHE B 42 10.70 12.23 -4.72
C PHE B 42 9.60 12.61 -3.74
N PRO B 43 8.78 13.63 -4.02
CA PRO B 43 7.78 14.02 -3.02
C PRO B 43 6.65 12.99 -2.93
N GLU B 44 5.86 13.20 -1.88
CA GLU B 44 6.31 12.82 -0.55
C GLU B 44 6.13 11.35 -0.13
N PHE B 45 4.89 10.87 -0.07
CA PHE B 45 4.61 9.44 0.05
C PHE B 45 5.02 8.63 -1.18
N HIS B 46 5.45 7.39 -0.93
CA HIS B 46 5.73 6.43 -2.00
C HIS B 46 4.94 5.17 -1.72
N ASN B 47 4.03 4.82 -2.64
CA ASN B 47 3.28 3.58 -2.60
C ASN B 47 3.78 2.71 -3.74
N VAL B 48 4.21 1.49 -3.43
CA VAL B 48 4.97 0.71 -4.39
C VAL B 48 4.19 -0.56 -4.71
N TYR B 49 4.18 -0.92 -6.00
CA TYR B 49 3.43 -2.06 -6.49
C TYR B 49 4.33 -2.91 -7.37
N ILE B 50 4.14 -4.22 -7.33
CA ILE B 50 4.75 -5.15 -8.27
C ILE B 50 3.59 -5.82 -9.02
N ASP B 51 3.79 -6.10 -10.31
CA ASP B 51 2.72 -6.67 -11.08
C ASP B 51 2.33 -8.05 -10.54
N PRO B 52 1.07 -8.45 -10.71
CA PRO B 52 0.61 -9.70 -10.08
C PRO B 52 1.32 -10.95 -10.55
N THR B 53 1.71 -11.03 -11.82
CA THR B 53 2.36 -12.24 -12.29
C THR B 53 3.74 -12.42 -11.68
N SER B 54 4.52 -11.34 -11.57
CA SER B 54 5.83 -11.45 -10.97
C SER B 54 5.73 -11.68 -9.47
N TRP B 55 4.66 -11.18 -8.85
CA TRP B 55 4.39 -11.53 -7.45
C TRP B 55 4.17 -13.02 -7.30
N GLY B 56 3.37 -13.61 -8.20
CA GLY B 56 3.18 -15.05 -8.16
C GLY B 56 4.51 -15.76 -8.28
N HIS B 57 5.34 -15.31 -9.22
CA HIS B 57 6.65 -15.91 -9.40
C HIS B 57 7.54 -15.65 -8.19
N TRP B 58 7.43 -14.45 -7.58
CA TRP B 58 8.20 -14.13 -6.38
C TRP B 58 7.87 -15.05 -5.22
N LYS B 59 6.58 -15.33 -5.00
CA LYS B 59 6.21 -16.23 -3.90
C LYS B 59 6.87 -17.58 -4.05
N LYS B 60 7.17 -17.98 -5.30
CA LYS B 60 7.78 -19.27 -5.59
C LYS B 60 9.30 -19.21 -5.58
N THR B 61 9.93 -18.07 -5.90
CA THR B 61 11.36 -18.08 -6.18
C THR B 61 12.18 -17.08 -5.37
N GLY B 62 11.58 -16.04 -4.80
CA GLY B 62 12.35 -14.99 -4.16
C GLY B 62 13.24 -14.20 -5.09
N GLU B 63 12.97 -14.23 -6.39
CA GLU B 63 13.71 -13.50 -7.39
C GLU B 63 12.73 -12.75 -8.29
N PHE B 64 13.23 -11.69 -8.91
CA PHE B 64 12.46 -10.93 -9.88
C PHE B 64 12.64 -11.56 -11.26
N ARG B 65 11.54 -12.00 -11.85
CA ARG B 65 11.61 -12.64 -13.16
C ARG B 65 11.81 -11.59 -14.24
N ASP B 66 12.26 -12.05 -15.40
CA ASP B 66 12.16 -11.25 -16.61
C ASP B 66 10.70 -10.92 -16.91
N GLY B 67 10.42 -9.64 -17.11
CA GLY B 67 9.07 -9.16 -17.31
C GLY B 67 8.46 -8.48 -16.10
N THR B 68 9.19 -8.42 -14.99
CA THR B 68 8.74 -7.75 -13.78
C THR B 68 8.55 -6.25 -14.05
N VAL B 69 7.42 -5.72 -13.62
CA VAL B 69 7.16 -4.28 -13.61
C VAL B 69 6.86 -3.85 -12.19
N ILE B 70 7.57 -2.83 -11.72
CA ILE B 70 7.34 -2.20 -10.43
C ILE B 70 6.95 -0.75 -10.67
N VAL B 71 5.88 -0.31 -10.02
CA VAL B 71 5.39 1.06 -10.12
C VAL B 71 5.47 1.71 -8.75
N LEU B 72 6.13 2.86 -8.68
CA LEU B 72 6.14 3.68 -7.47
C LEU B 72 5.23 4.87 -7.71
N GLU B 73 4.13 4.95 -6.96
CA GLU B 73 3.20 6.06 -7.06
C GLU B 73 3.48 7.04 -5.94
N LEU B 74 3.62 8.32 -6.31
CA LEU B 74 3.95 9.39 -5.39
C LEU B 74 2.67 10.10 -4.95
N ALA B 75 2.59 10.45 -3.67
CA ALA B 75 1.46 11.24 -3.18
C ALA B 75 1.92 12.30 -2.18
N GLY B 76 1.14 13.37 -2.08
CA GLY B 76 1.44 14.43 -1.14
C GLY B 76 1.14 14.04 0.30
N VAL B 77 1.68 14.82 1.21
CA VAL B 77 1.23 14.83 2.60
C VAL B 77 -0.04 15.66 2.69
N GLY B 78 -1.13 15.03 3.11
CA GLY B 78 -2.41 15.68 3.28
C GLY B 78 -2.51 16.32 4.65
N SER B 79 -1.82 15.75 5.64
CA SER B 79 -1.93 16.24 7.01
C SER B 79 -0.85 15.61 7.88
N LYS B 80 -0.71 16.17 9.10
CA LYS B 80 0.32 15.76 10.03
C LYS B 80 -0.25 15.41 11.41
N ALA B 81 -1.55 15.51 11.60
CA ALA B 81 -2.20 15.16 12.85
C ALA B 81 -3.58 14.64 12.52
N SER B 82 -3.99 13.61 13.23
CA SER B 82 -5.32 13.07 13.02
C SER B 82 -5.78 12.46 14.34
N PRO B 83 -7.01 11.90 14.42
CA PRO B 83 -7.42 11.28 15.68
C PRO B 83 -6.53 10.12 16.10
N SER B 84 -5.79 9.51 15.19
CA SER B 84 -4.93 8.38 15.55
C SER B 84 -3.56 8.82 16.06
N GLY B 85 -3.25 10.11 16.00
CA GLY B 85 -2.00 10.64 16.50
C GLY B 85 -1.32 11.53 15.49
N ASN B 86 -0.08 11.89 15.79
CA ASN B 86 0.75 12.73 14.93
C ASN B 86 1.58 11.86 13.99
N GLY B 87 1.86 12.40 12.82
CA GLY B 87 2.71 11.71 11.87
C GLY B 87 2.55 12.26 10.47
N TYR B 88 2.33 11.39 9.49
CA TYR B 88 2.08 11.84 8.14
C TYR B 88 0.93 11.06 7.53
N PHE B 89 0.02 11.78 6.88
CA PHE B 89 -1.16 11.18 6.28
C PHE B 89 -1.25 11.69 4.86
N PRO B 90 -1.59 10.84 3.89
CA PRO B 90 -1.51 11.24 2.49
C PRO B 90 -2.64 12.18 2.07
N GLY B 91 -2.35 12.91 0.99
CA GLY B 91 -3.25 13.83 0.31
C GLY B 91 -3.51 13.30 -1.08
N GLU B 92 -3.09 14.06 -2.09
CA GLU B 92 -3.31 13.72 -3.51
C GLU B 92 -2.07 13.13 -4.15
N PHE B 93 -2.33 12.42 -5.25
CA PHE B 93 -1.31 11.78 -6.05
C PHE B 93 -0.46 12.82 -6.77
N ASN B 94 0.83 12.54 -6.90
CA ASN B 94 1.78 13.45 -7.52
C ASN B 94 2.29 12.95 -8.86
N GLY B 95 2.44 11.65 -9.03
CA GLY B 95 3.00 11.09 -10.24
C GLY B 95 3.48 9.67 -9.97
N ILE B 96 4.17 9.11 -10.97
CA ILE B 96 4.63 7.74 -10.88
C ILE B 96 6.03 7.61 -11.47
N GLU B 97 6.69 6.51 -11.08
CA GLU B 97 7.96 6.09 -11.65
C GLU B 97 7.95 4.57 -11.71
N ALA B 98 8.72 3.99 -12.64
CA ALA B 98 8.65 2.56 -12.82
C ALA B 98 10.01 2.00 -13.21
N MET B 99 10.15 0.68 -13.02
CA MET B 99 11.31 -0.06 -13.51
C MET B 99 10.86 -1.41 -14.07
N VAL B 100 11.51 -1.85 -15.15
CA VAL B 100 11.16 -3.09 -15.83
C VAL B 100 12.44 -3.90 -16.04
N LYS B 101 12.43 -5.16 -15.61
CA LYS B 101 13.53 -6.10 -15.79
C LYS B 101 13.22 -7.04 -16.96
N ASP B 102 14.10 -7.08 -17.97
CA ASP B 102 13.89 -7.89 -19.17
C ASP B 102 15.25 -8.11 -19.84
N SER B 103 15.79 -9.33 -19.76
CA SER B 103 17.11 -9.61 -20.32
C SER B 103 17.24 -9.54 -21.85
N LYS B 104 16.16 -9.65 -22.63
CA LYS B 104 16.15 -9.54 -24.10
C LYS B 104 15.93 -8.11 -24.58
N ARG B 105 15.08 -7.37 -23.87
CA ARG B 105 14.82 -5.99 -24.25
C ARG B 105 15.92 -5.05 -23.80
N TYR B 106 16.55 -5.31 -22.66
CA TYR B 106 17.52 -4.40 -22.04
C TYR B 106 18.80 -5.17 -21.69
N PRO B 107 19.45 -5.81 -22.67
CA PRO B 107 20.57 -6.70 -22.28
C PRO B 107 21.76 -6.04 -21.61
N GLU B 108 22.04 -4.77 -21.92
CA GLU B 108 23.22 -4.06 -21.41
C GLU B 108 22.91 -3.06 -20.31
N ARG B 109 21.66 -2.94 -19.89
CA ARG B 109 21.41 -2.01 -18.81
C ARG B 109 21.74 -2.74 -17.51
N PRO B 110 22.20 -2.00 -16.50
CA PRO B 110 22.46 -2.63 -15.20
C PRO B 110 21.28 -3.45 -14.70
N GLY B 111 21.57 -4.72 -14.39
CA GLY B 111 20.57 -5.64 -13.89
C GLY B 111 19.47 -5.96 -14.88
N ASN B 112 19.66 -5.57 -16.15
CA ASN B 112 18.62 -5.66 -17.18
C ASN B 112 17.38 -4.88 -16.77
N TRP B 113 17.57 -3.86 -15.93
CA TRP B 113 16.50 -2.99 -15.47
C TRP B 113 16.45 -1.74 -16.33
N ALA B 114 15.27 -1.36 -16.77
CA ALA B 114 15.01 -0.06 -17.38
C ALA B 114 14.24 0.80 -16.41
N PHE B 115 14.73 2.01 -16.17
CA PHE B 115 14.09 2.95 -15.25
C PHE B 115 13.30 3.97 -16.06
N PHE B 116 12.05 4.23 -15.66
CA PHE B 116 11.19 5.15 -16.40
C PHE B 116 10.67 6.25 -15.49
N GLY B 117 10.82 7.51 -15.93
CA GLY B 117 10.06 8.62 -15.38
C GLY B 117 8.85 8.91 -16.25
N PHE B 118 7.87 9.61 -15.67
CA PHE B 118 6.66 9.97 -16.41
C PHE B 118 6.32 11.45 -16.23
N GLU B 119 6.23 12.13 -17.37
CA GLU B 119 5.97 13.55 -17.42
C GLU B 119 4.60 13.91 -16.84
N SER B 120 3.59 13.04 -17.01
CA SER B 120 2.26 13.26 -16.47
C SER B 120 1.45 11.96 -16.53
N TYR B 121 0.31 11.96 -15.83
CA TYR B 121 -0.57 10.81 -15.90
C TYR B 121 -1.21 10.63 -17.28
N GLU B 122 -1.26 11.69 -18.08
CA GLU B 122 -1.86 11.66 -19.41
C GLU B 122 -0.86 11.38 -20.52
N ALA B 123 0.43 11.33 -20.20
CA ALA B 123 1.44 11.01 -21.19
C ALA B 123 1.20 9.62 -21.78
N LYS B 124 1.55 9.47 -23.06
CA LYS B 124 1.43 8.16 -23.70
C LYS B 124 2.43 7.17 -23.14
N GLN B 125 3.66 7.60 -22.86
CA GLN B 125 4.68 6.66 -22.48
C GLN B 125 5.67 7.29 -21.52
N GLY B 126 6.44 6.43 -20.87
CA GLY B 126 7.51 6.87 -20.00
C GLY B 126 8.72 7.33 -20.77
N ILE B 127 9.68 7.84 -20.01
CA ILE B 127 10.96 8.30 -20.55
C ILE B 127 12.03 7.43 -19.93
N ILE B 128 12.72 6.64 -20.77
CA ILE B 128 13.76 5.78 -20.24
C ILE B 128 14.91 6.65 -19.77
N GLN B 129 15.48 6.27 -18.64
CA GLN B 129 16.48 7.07 -17.94
C GLN B 129 17.89 6.54 -18.13
N THR B 130 18.81 7.48 -18.10
CA THR B 130 20.22 7.14 -18.14
C THR B 130 20.59 6.38 -16.87
N ASP B 131 21.67 5.60 -16.98
CA ASP B 131 22.08 4.78 -15.85
C ASP B 131 22.38 5.66 -14.64
N GLU B 132 22.98 6.83 -14.88
CA GLU B 132 23.33 7.71 -13.77
C GLU B 132 22.12 8.35 -13.07
N THR B 133 20.94 8.42 -13.69
CA THR B 133 19.87 9.16 -13.03
C THR B 133 19.19 8.33 -11.93
N CYS B 134 19.16 7.00 -12.10
CA CYS B 134 18.42 6.09 -11.24
C CYS B 134 19.15 4.78 -10.94
N ALA B 135 19.59 4.08 -11.98
CA ALA B 135 20.17 2.75 -11.80
C ALA B 135 21.38 2.78 -10.89
N ALA B 136 22.18 3.84 -10.97
CA ALA B 136 23.41 3.91 -10.19
C ALA B 136 23.10 3.85 -8.69
N CYS B 137 22.08 4.61 -8.25
CA CYS B 137 21.71 4.65 -6.84
C CYS B 137 21.09 3.33 -6.37
N HIS B 138 20.21 2.76 -7.18
CA HIS B 138 19.56 1.49 -6.87
C HIS B 138 20.60 0.39 -6.73
N LYS B 139 21.59 0.40 -7.63
CA LYS B 139 22.65 -0.60 -7.61
C LYS B 139 23.48 -0.51 -6.34
N GLU B 140 23.69 0.71 -5.84
CA GLU B 140 24.54 0.92 -4.66
C GLU B 140 23.89 0.41 -3.36
N HIS B 141 22.56 0.53 -3.23
CA HIS B 141 21.93 0.35 -1.93
C HIS B 141 20.81 -0.67 -1.79
N ALA B 142 20.23 -1.15 -2.89
CA ALA B 142 19.12 -2.08 -2.77
C ALA B 142 19.57 -3.46 -2.29
N ALA B 143 18.73 -4.08 -1.44
CA ALA B 143 19.11 -5.34 -0.81
C ALA B 143 19.12 -6.51 -1.79
N HIS B 144 18.30 -6.49 -2.83
CA HIS B 144 18.20 -7.66 -3.71
C HIS B 144 17.89 -7.21 -5.13
N ASP B 145 18.85 -7.41 -6.03
CA ASP B 145 18.64 -7.26 -7.48
C ASP B 145 18.04 -5.89 -7.81
N MET B 146 18.60 -4.85 -7.18
CA MET B 146 18.32 -3.44 -7.43
C MET B 146 16.95 -2.97 -6.94
N VAL B 147 16.23 -3.79 -6.18
CA VAL B 147 14.96 -3.39 -5.60
C VAL B 147 15.17 -3.28 -4.10
N PHE B 148 14.67 -2.19 -3.51
CA PHE B 148 14.91 -1.90 -2.10
C PHE B 148 14.01 -2.73 -1.18
N THR B 149 14.19 -4.05 -1.26
CA THR B 149 13.34 -4.98 -0.52
C THR B 149 13.47 -4.85 1.00
N GLN B 150 14.52 -4.19 1.49
CA GLN B 150 14.58 -3.86 2.92
C GLN B 150 13.40 -2.99 3.38
N PHE B 151 12.68 -2.35 2.45
CA PHE B 151 11.53 -1.53 2.78
C PHE B 151 10.22 -2.12 2.27
N TYR B 152 10.23 -3.39 1.83
CA TYR B 152 9.03 -4.03 1.30
C TYR B 152 8.75 -5.27 2.14
N PRO B 153 8.13 -5.09 3.31
CA PRO B 153 7.87 -6.24 4.17
C PRO B 153 6.96 -7.26 3.53
N VAL B 154 6.13 -6.84 2.57
CA VAL B 154 5.27 -7.79 1.87
C VAL B 154 6.11 -8.80 1.08
N LEU B 155 7.16 -8.32 0.40
CA LEU B 155 8.05 -9.20 -0.35
C LEU B 155 8.79 -10.16 0.59
N ARG B 156 9.34 -9.63 1.69
CA ARG B 156 10.14 -10.46 2.59
C ARG B 156 9.29 -11.55 3.22
N ALA B 157 8.03 -11.23 3.53
CA ALA B 157 7.10 -12.21 4.10
C ALA B 157 6.64 -13.17 3.01
N GLY B 158 6.76 -12.76 1.76
CA GLY B 158 6.31 -13.47 0.59
C GLY B 158 7.33 -14.40 -0.02
N LYS B 159 8.59 -14.33 0.40
CA LYS B 159 9.56 -15.23 -0.18
C LYS B 159 9.38 -16.64 0.39
N PRO B 160 9.81 -17.68 -0.35
CA PRO B 160 9.63 -19.04 0.18
C PRO B 160 10.73 -19.48 1.13
FE HEC C . -9.23 3.23 13.66
CHA HEC C . -7.99 3.64 10.48
CHB HEC C . -9.78 -0.11 12.99
CHC HEC C . -10.04 2.63 16.97
CHD HEC C . -8.71 6.51 14.37
NA HEC C . -8.84 1.96 12.07
C1A HEC C . -8.53 2.40 10.80
C2A HEC C . -8.89 1.36 9.85
C3A HEC C . -9.37 0.33 10.54
C4A HEC C . -9.35 0.68 11.95
CMA HEC C . -9.86 -1.02 9.97
CAA HEC C . -8.72 1.42 8.33
CBA HEC C . -10.05 1.79 7.68
CGA HEC C . -10.45 3.20 8.05
O1A HEC C . -11.59 3.38 8.55
O2A HEC C . -9.63 4.13 7.86
NB HEC C . -9.85 1.57 14.77
C1B HEC C . -9.91 0.27 14.30
C2B HEC C . -10.12 -0.61 15.43
C3B HEC C . -10.20 0.15 16.54
C4B HEC C . -10.03 1.53 16.14
CMB HEC C . -10.25 -2.15 15.34
CAB HEC C . -10.42 -0.33 17.99
CBB HEC C . -9.24 -1.20 18.50
NC HEC C . -9.33 4.35 15.35
C1C HEC C . -9.75 3.93 16.61
C2C HEC C . -9.91 5.10 17.44
C3C HEC C . -9.43 6.16 16.77
C4C HEC C . -9.13 5.72 15.42
CMC HEC C . -10.24 5.00 18.95
CAC HEC C . -9.35 7.65 17.21
CBC HEC C . -8.59 7.89 18.53
ND HEC C . -8.47 4.83 12.59
C1D HEC C . -8.36 6.12 13.10
C2D HEC C . -7.83 6.99 12.08
C3D HEC C . -7.60 6.09 10.84
C4D HEC C . -8.03 4.77 11.26
CMD HEC C . -7.55 8.51 12.20
CAD HEC C . -7.04 6.49 9.46
CBD HEC C . -5.67 7.14 9.59
CGD HEC C . -4.69 6.17 10.19
O1D HEC C . -4.28 6.38 11.35
O2D HEC C . -4.33 5.18 9.50
FE HEC D . 14.36 5.15 -6.81
CHA HEC D . 12.55 3.07 -4.79
CHB HEC D . 12.10 4.58 -9.39
CHC HEC D . 16.10 7.29 -8.88
CHD HEC D . 16.68 5.67 -4.33
NA HEC D . 12.59 4.11 -7.02
C1A HEC D . 12.15 3.18 -6.11
C2A HEC D . 11.18 2.33 -6.77
C3A HEC D . 11.04 2.74 -8.02
C4A HEC D . 11.93 3.87 -8.23
CMA HEC D . 10.10 2.12 -9.08
CAA HEC D . 10.43 1.15 -6.11
CBA HEC D . 11.15 -0.17 -6.39
CGA HEC D . 12.51 -0.21 -5.74
O1A HEC D . 13.51 -0.47 -6.47
O2A HEC D . 12.61 0.02 -4.51
NB HEC D . 14.15 5.78 -8.78
C1B HEC D . 13.12 5.47 -9.64
C2B HEC D . 13.29 6.25 -10.85
C3B HEC D . 14.39 7.00 -10.71
C4B HEC D . 14.96 6.72 -9.40
CMB HEC D . 12.37 6.22 -12.09
CAB HEC D . 14.99 7.98 -11.74
CBB HEC D . 14.08 9.23 -11.94
NC HEC D . 16.07 6.27 -6.64
C1C HEC D . 16.62 7.07 -7.62
C2C HEC D . 17.78 7.73 -7.06
C3C HEC D . 17.99 7.21 -5.84
C4C HEC D . 16.88 6.33 -5.52
CMC HEC D . 18.76 8.62 -7.84
CAC HEC D . 19.15 7.58 -4.88
CBC HEC D . 19.03 9.06 -4.44
ND HEC D . 14.61 4.43 -4.88
C1D HEC D . 15.59 4.89 -4.00
C2D HEC D . 15.28 4.42 -2.67
C3D HEC D . 13.98 3.61 -2.81
C4D HEC D . 13.65 3.67 -4.21
CMD HEC D . 16.10 4.69 -1.38
CAD HEC D . 13.19 2.86 -1.71
CBD HEC D . 12.81 3.79 -0.56
CGD HEC D . 11.89 4.89 -1.05
O1D HEC D . 10.65 4.66 -1.07
O2D HEC D . 12.40 5.98 -1.41
#